data_1UVQ
#
_entry.id   1UVQ
#
_cell.length_a   102.078
_cell.length_b   129.304
_cell.length_c   40.619
_cell.angle_alpha   90.00
_cell.angle_beta   90.00
_cell.angle_gamma   90.00
#
_symmetry.space_group_name_H-M   'P 21 21 2'
#
loop_
_entity.id
_entity.type
_entity.pdbx_description
1 polymer 'HLA CLASS II HISTOCOMPATIBILITY ANTIGEN'
2 polymer 'HLA CLASS II HISTOCOMPATIBILITY ANTIGEN'
3 polymer OREXIN
4 branched beta-D-mannopyranose-(1-4)-2-acetamido-2-deoxy-beta-D-glucopyranose-(1-4)-[alpha-L-fucopyranose-(1-6)]2-acetamido-2-deoxy-beta-D-glucopyranose
5 non-polymer GLYCINE
6 non-polymer 2-acetamido-2-deoxy-beta-D-glucopyranose
7 non-polymer 'ZINC ION'
8 non-polymer 'ACETIC ACID'
9 water water
#
loop_
_entity_poly.entity_id
_entity_poly.type
_entity_poly.pdbx_seq_one_letter_code
_entity_poly.pdbx_strand_id
1 'polypeptide(L)'
;EDIVADHVASCGVNLYQFYGPSGQYTHEFDGDEQFYVDLERKETAWRWPEFSKFGGFDPQGALRNMAVAKHNLNIMIKRY
NSTAATNEVPEVTVFSKSPVTLGQPNTLICLVDNIFPPVVNITWLSNGQSVTEGVSETSFLSKSDHSFFKISYLTFLPSA
DEIYDCKVEHWGLDQPLLKHWEPEIPAPMSELTETVD
;
A
2 'polypeptide(L)'
;SPEDFVFQFKGMCYFTNGTERVRLVTRYIYNREEYARFDSDVGVYRAVTPQGRPDAEYWNSQKEVLEGTRAELDTVCRHN
YEVAFRGILQRRVEPTVTISPSRTEALNHHNLLVCSVTDFYPGQIKVRWFRNDQEETAGVVSTPLIRNGDWTFQILVMLE
MTPQRGDVYTCHVEHPSLQSPITVEWRAQSESAQSKVD
;
B
3 'polypeptide(L)' EGRDSMNLPSTKVSWAAVGGGGSLVPRGSGGGG C
#
# COMPACT_ATOMS: atom_id res chain seq x y z
N ASP A 2 -3.93 17.41 -1.00
CA ASP A 2 -3.86 16.13 -1.76
C ASP A 2 -4.05 16.37 -3.25
N ILE A 3 -3.18 15.78 -4.06
CA ILE A 3 -3.28 15.93 -5.50
C ILE A 3 -4.38 15.03 -6.06
N VAL A 4 -5.23 15.58 -6.91
CA VAL A 4 -6.32 14.82 -7.50
C VAL A 4 -5.88 14.22 -8.83
N ALA A 5 -6.09 12.90 -8.99
CA ALA A 5 -5.71 12.21 -10.21
C ALA A 5 -6.49 10.92 -10.37
N ASP A 6 -6.57 10.41 -11.60
CA ASP A 6 -7.29 9.16 -11.85
C ASP A 6 -6.49 8.00 -11.28
N HIS A 7 -5.17 8.06 -11.44
CA HIS A 7 -4.30 7.00 -10.94
C HIS A 7 -2.99 7.57 -10.42
N VAL A 8 -2.39 6.86 -9.47
CA VAL A 8 -1.13 7.32 -8.91
C VAL A 8 -0.18 6.15 -8.75
N ALA A 9 1.08 6.37 -9.12
CA ALA A 9 2.08 5.34 -9.00
C ALA A 9 3.32 5.95 -8.36
N SER A 10 4.14 5.08 -7.77
CA SER A 10 5.39 5.49 -7.17
C SER A 10 6.43 4.62 -7.87
N CYS A 11 7.29 5.27 -8.64
CA CYS A 11 8.31 4.57 -9.40
C CYS A 11 9.71 5.10 -9.09
N GLY A 12 10.23 4.80 -7.90
CA GLY A 12 9.50 3.98 -6.95
C GLY A 12 9.56 4.56 -5.55
N VAL A 13 9.31 3.73 -4.55
CA VAL A 13 9.39 4.14 -3.16
C VAL A 13 10.78 3.70 -2.71
N ASN A 14 11.62 4.65 -2.30
CA ASN A 14 12.97 4.34 -1.85
C ASN A 14 13.06 4.64 -0.36
N LEU A 15 13.24 3.62 0.46
CA LEU A 15 13.33 3.80 1.91
C LEU A 15 14.71 3.37 2.41
N TYR A 16 15.26 4.15 3.34
CA TYR A 16 16.55 3.79 3.93
C TYR A 16 16.54 4.30 5.36
N GLN A 17 16.93 3.46 6.31
CA GLN A 17 16.93 3.89 7.70
C GLN A 17 18.15 3.47 8.47
N PHE A 18 18.48 4.27 9.47
CA PHE A 18 19.64 4.08 10.33
C PHE A 18 19.63 2.76 11.10
N TYR A 19 18.47 2.41 11.65
CA TYR A 19 18.35 1.17 12.40
C TYR A 19 18.62 0.01 11.46
N GLY A 20 19.71 -0.71 11.73
CA GLY A 20 20.09 -1.83 10.89
C GLY A 20 21.54 -1.65 10.47
N PRO A 21 21.81 -0.82 9.44
CA PRO A 21 20.78 -0.08 8.71
C PRO A 21 20.12 -0.98 7.66
N SER A 22 19.03 -0.51 7.07
CA SER A 22 18.35 -1.30 6.05
C SER A 22 17.52 -0.42 5.13
N GLY A 23 17.24 -0.92 3.94
CA GLY A 23 16.45 -0.15 3.00
C GLY A 23 15.38 -0.99 2.35
N GLN A 24 14.60 -0.37 1.48
CA GLN A 24 13.55 -1.07 0.76
C GLN A 24 13.33 -0.35 -0.55
N TYR A 25 13.09 -1.13 -1.61
CA TYR A 25 12.82 -0.57 -2.92
C TYR A 25 11.63 -1.27 -3.55
N THR A 26 10.61 -0.50 -3.90
CA THR A 26 9.41 -1.07 -4.50
C THR A 26 8.77 -0.07 -5.46
N HIS A 27 7.90 -0.57 -6.33
CA HIS A 27 7.14 0.30 -7.22
C HIS A 27 5.71 -0.01 -6.86
N GLU A 28 4.88 1.02 -6.75
CA GLU A 28 3.48 0.84 -6.40
C GLU A 28 2.60 1.45 -7.48
N PHE A 29 1.42 0.86 -7.69
CA PHE A 29 0.47 1.41 -8.66
C PHE A 29 -0.90 1.36 -8.00
N ASP A 30 -1.51 2.54 -7.85
CA ASP A 30 -2.82 2.65 -7.21
C ASP A 30 -2.85 1.96 -5.85
N GLY A 31 -1.76 2.10 -5.09
CA GLY A 31 -1.70 1.54 -3.75
C GLY A 31 -1.21 0.12 -3.55
N ASP A 32 -0.98 -0.63 -4.63
CA ASP A 32 -0.51 -2.00 -4.50
C ASP A 32 0.91 -2.16 -5.04
N GLU A 33 1.64 -3.12 -4.49
CA GLU A 33 3.03 -3.38 -4.87
C GLU A 33 3.18 -4.18 -6.16
N GLN A 34 3.71 -3.54 -7.20
CA GLN A 34 3.92 -4.19 -8.49
C GLN A 34 5.10 -5.15 -8.40
N PHE A 35 6.20 -4.69 -7.80
CA PHE A 35 7.38 -5.52 -7.63
C PHE A 35 8.29 -4.86 -6.60
N TYR A 36 9.33 -5.57 -6.20
CA TYR A 36 10.28 -5.03 -5.24
C TYR A 36 11.64 -5.55 -5.60
N VAL A 37 12.67 -4.95 -5.03
CA VAL A 37 14.02 -5.43 -5.26
C VAL A 37 14.51 -5.92 -3.92
N ASP A 38 14.90 -7.18 -3.86
CA ASP A 38 15.40 -7.77 -2.63
C ASP A 38 16.85 -7.32 -2.60
N LEU A 39 17.16 -6.42 -1.68
CA LEU A 39 18.51 -5.87 -1.59
C LEU A 39 19.55 -6.86 -1.08
N GLU A 40 19.09 -7.95 -0.47
CA GLU A 40 20.01 -8.96 0.05
C GLU A 40 20.49 -9.91 -1.05
N ARG A 41 19.56 -10.43 -1.85
CA ARG A 41 19.97 -11.32 -2.93
C ARG A 41 20.19 -10.56 -4.22
N LYS A 42 19.91 -9.26 -4.20
CA LYS A 42 20.11 -8.39 -5.35
C LYS A 42 19.33 -8.84 -6.58
N GLU A 43 18.04 -9.11 -6.41
CA GLU A 43 17.21 -9.54 -7.51
C GLU A 43 15.87 -8.81 -7.46
N THR A 44 15.31 -8.54 -8.63
CA THR A 44 14.00 -7.93 -8.72
C THR A 44 13.09 -9.14 -8.50
N ALA A 45 12.08 -8.99 -7.66
CA ALA A 45 11.19 -10.09 -7.36
C ALA A 45 9.75 -9.63 -7.31
N TRP A 46 8.83 -10.59 -7.34
CA TRP A 46 7.39 -10.29 -7.32
C TRP A 46 6.69 -11.09 -6.24
N ARG A 47 6.04 -10.40 -5.30
CA ARG A 47 5.31 -11.10 -4.25
C ARG A 47 4.13 -11.79 -4.90
N TRP A 48 3.75 -11.30 -6.08
CA TRP A 48 2.67 -11.88 -6.87
C TRP A 48 3.18 -12.01 -8.30
N PRO A 49 3.75 -13.18 -8.64
CA PRO A 49 4.33 -13.53 -9.94
C PRO A 49 3.50 -13.13 -11.16
N GLU A 50 2.19 -13.03 -10.98
CA GLU A 50 1.30 -12.65 -12.07
C GLU A 50 1.73 -11.32 -12.70
N PHE A 51 2.25 -10.41 -11.89
CA PHE A 51 2.64 -9.10 -12.39
C PHE A 51 4.00 -9.01 -13.10
N SER A 52 4.74 -10.11 -13.16
CA SER A 52 6.03 -10.08 -13.84
C SER A 52 5.84 -9.82 -15.33
N LYS A 53 4.66 -10.16 -15.86
CA LYS A 53 4.43 -9.96 -17.28
C LYS A 53 4.30 -8.49 -17.66
N PHE A 54 4.16 -7.62 -16.66
CA PHE A 54 4.04 -6.19 -16.92
C PHE A 54 5.39 -5.48 -17.00
N GLY A 55 6.48 -6.23 -16.84
CA GLY A 55 7.80 -5.64 -16.93
C GLY A 55 8.78 -6.03 -15.85
N GLY A 56 10.05 -6.14 -16.23
CA GLY A 56 11.08 -6.49 -15.30
C GLY A 56 11.73 -5.22 -14.78
N PHE A 57 12.85 -5.36 -14.07
CA PHE A 57 13.54 -4.20 -13.53
C PHE A 57 14.99 -4.57 -13.26
N ASP A 58 15.91 -3.70 -13.65
CA ASP A 58 17.33 -3.94 -13.42
C ASP A 58 17.60 -3.55 -11.97
N PRO A 59 17.87 -4.53 -11.11
CA PRO A 59 18.11 -4.26 -9.68
C PRO A 59 19.23 -3.27 -9.37
N GLN A 60 20.18 -3.12 -10.28
CA GLN A 60 21.29 -2.17 -10.05
C GLN A 60 20.75 -0.75 -9.85
N GLY A 61 19.60 -0.45 -10.43
CA GLY A 61 19.01 0.86 -10.29
C GLY A 61 18.61 1.10 -8.84
N ALA A 62 18.09 0.06 -8.20
CA ALA A 62 17.68 0.16 -6.80
C ALA A 62 18.91 0.23 -5.91
N LEU A 63 19.93 -0.56 -6.24
CA LEU A 63 21.15 -0.57 -5.45
C LEU A 63 21.83 0.80 -5.49
N ARG A 64 21.82 1.44 -6.65
CA ARG A 64 22.41 2.76 -6.77
C ARG A 64 21.60 3.76 -5.94
N ASN A 65 20.28 3.71 -6.09
CA ASN A 65 19.42 4.62 -5.33
C ASN A 65 19.57 4.44 -3.82
N MET A 66 19.78 3.20 -3.37
CA MET A 66 19.95 2.94 -1.94
C MET A 66 21.27 3.53 -1.44
N ALA A 67 22.30 3.49 -2.30
CA ALA A 67 23.60 4.05 -1.90
C ALA A 67 23.45 5.58 -1.78
N VAL A 68 22.68 6.18 -2.68
CA VAL A 68 22.47 7.62 -2.62
C VAL A 68 21.62 7.94 -1.40
N ALA A 69 20.61 7.11 -1.14
CA ALA A 69 19.73 7.30 0.01
C ALA A 69 20.54 7.27 1.30
N LYS A 70 21.51 6.38 1.36
CA LYS A 70 22.37 6.26 2.55
C LYS A 70 23.13 7.57 2.75
N HIS A 71 23.68 8.09 1.66
CA HIS A 71 24.42 9.34 1.70
C HIS A 71 23.55 10.50 2.15
N ASN A 72 22.35 10.57 1.57
CA ASN A 72 21.40 11.63 1.92
C ASN A 72 20.97 11.55 3.37
N LEU A 73 20.68 10.36 3.87
CA LEU A 73 20.25 10.22 5.26
C LEU A 73 21.30 10.79 6.21
N ASN A 74 22.57 10.39 6.02
CA ASN A 74 23.64 10.88 6.86
C ASN A 74 23.69 12.40 6.87
N ILE A 75 23.52 13.01 5.71
CA ILE A 75 23.54 14.46 5.61
C ILE A 75 22.32 15.10 6.28
N MET A 76 21.15 14.49 6.11
CA MET A 76 19.95 15.05 6.71
C MET A 76 19.92 14.93 8.23
N ILE A 77 20.53 13.88 8.76
CA ILE A 77 20.56 13.71 10.21
C ILE A 77 21.28 14.92 10.80
N LYS A 78 22.38 15.33 10.16
CA LYS A 78 23.13 16.47 10.63
C LYS A 78 22.33 17.76 10.45
N ARG A 79 21.71 17.95 9.29
CA ARG A 79 20.93 19.16 9.05
C ARG A 79 19.79 19.30 10.06
N TYR A 80 19.23 18.17 10.49
CA TYR A 80 18.14 18.20 11.47
C TYR A 80 18.60 18.01 12.91
N ASN A 81 19.89 18.25 13.15
CA ASN A 81 20.47 18.13 14.48
C ASN A 81 20.12 16.82 15.19
N SER A 82 20.24 15.72 14.47
CA SER A 82 19.97 14.40 15.01
C SER A 82 18.58 14.20 15.60
N THR A 83 17.57 14.79 14.98
CA THR A 83 16.21 14.62 15.48
C THR A 83 15.77 13.20 15.08
N ALA A 84 15.52 12.37 16.08
CA ALA A 84 15.12 10.98 15.84
C ALA A 84 13.68 10.84 15.40
N ALA A 85 13.38 9.69 14.80
CA ALA A 85 12.03 9.42 14.34
C ALA A 85 11.14 9.24 15.56
N THR A 86 9.88 9.62 15.40
CA THR A 86 8.90 9.48 16.48
C THR A 86 8.20 8.13 16.28
N ASN A 87 8.12 7.34 17.35
CA ASN A 87 7.46 6.05 17.27
C ASN A 87 5.97 6.28 17.38
N GLU A 88 5.24 6.04 16.29
CA GLU A 88 3.80 6.22 16.29
C GLU A 88 3.13 4.94 16.76
N VAL A 89 1.86 5.05 17.13
CA VAL A 89 1.10 3.89 17.58
C VAL A 89 0.44 3.23 16.37
N PRO A 90 0.80 1.97 16.08
CA PRO A 90 0.20 1.27 14.94
C PRO A 90 -1.22 0.81 15.26
N GLU A 91 -2.01 0.63 14.20
CA GLU A 91 -3.39 0.18 14.35
C GLU A 91 -3.49 -1.19 13.68
N VAL A 92 -4.03 -2.16 14.40
CA VAL A 92 -4.12 -3.53 13.88
C VAL A 92 -5.54 -4.06 13.72
N THR A 93 -5.78 -4.72 12.58
CA THR A 93 -7.08 -5.32 12.29
C THR A 93 -6.84 -6.68 11.65
N VAL A 94 -7.64 -7.67 12.02
CA VAL A 94 -7.50 -9.00 11.46
C VAL A 94 -8.83 -9.43 10.86
N PHE A 95 -8.77 -9.97 9.65
CA PHE A 95 -9.97 -10.40 8.95
C PHE A 95 -9.62 -11.45 7.89
N SER A 96 -10.61 -12.21 7.44
CA SER A 96 -10.38 -13.23 6.44
C SER A 96 -10.49 -12.66 5.03
N LYS A 97 -9.83 -13.32 4.09
CA LYS A 97 -9.85 -12.89 2.70
C LYS A 97 -11.24 -13.15 2.12
N SER A 98 -11.84 -14.28 2.48
CA SER A 98 -13.17 -14.61 2.00
C SER A 98 -14.00 -15.31 3.07
N PRO A 99 -15.32 -15.49 2.83
CA PRO A 99 -16.18 -16.16 3.80
C PRO A 99 -15.56 -17.51 4.17
N VAL A 100 -15.55 -17.81 5.46
CA VAL A 100 -14.95 -19.05 5.94
C VAL A 100 -15.89 -20.26 5.92
N THR A 101 -15.40 -21.34 5.32
CA THR A 101 -16.16 -22.58 5.23
C THR A 101 -15.29 -23.72 5.72
N LEU A 102 -15.82 -24.51 6.65
CA LEU A 102 -15.08 -25.64 7.21
C LEU A 102 -14.50 -26.52 6.11
N GLY A 103 -13.19 -26.76 6.19
CA GLY A 103 -12.53 -27.61 5.21
C GLY A 103 -12.08 -26.93 3.93
N GLN A 104 -12.51 -25.70 3.70
CA GLN A 104 -12.12 -24.98 2.49
C GLN A 104 -11.01 -23.97 2.77
N PRO A 105 -9.82 -24.21 2.20
CA PRO A 105 -8.67 -23.32 2.41
C PRO A 105 -9.06 -21.85 2.34
N ASN A 106 -8.45 -21.05 3.20
CA ASN A 106 -8.73 -19.62 3.24
C ASN A 106 -7.45 -18.91 3.68
N THR A 107 -7.57 -17.61 3.90
CA THR A 107 -6.40 -16.82 4.31
C THR A 107 -6.81 -15.77 5.32
N LEU A 108 -6.04 -15.66 6.41
CA LEU A 108 -6.32 -14.63 7.40
C LEU A 108 -5.38 -13.49 7.07
N ILE A 109 -5.90 -12.27 7.20
CA ILE A 109 -5.14 -11.07 6.88
C ILE A 109 -4.99 -10.18 8.10
N CYS A 110 -3.76 -9.80 8.41
CA CYS A 110 -3.46 -8.93 9.53
C CYS A 110 -2.92 -7.62 8.98
N LEU A 111 -3.72 -6.56 9.07
CA LEU A 111 -3.31 -5.26 8.58
C LEU A 111 -2.77 -4.40 9.71
N VAL A 112 -1.54 -3.94 9.55
CA VAL A 112 -0.91 -3.08 10.54
C VAL A 112 -0.75 -1.73 9.86
N ASP A 113 -1.59 -0.78 10.27
CA ASP A 113 -1.62 0.56 9.69
C ASP A 113 -0.92 1.57 10.60
N ASN A 114 -0.65 2.76 10.05
CA ASN A 114 0.00 3.84 10.79
C ASN A 114 1.33 3.41 11.40
N ILE A 115 2.18 2.81 10.58
CA ILE A 115 3.48 2.34 11.04
C ILE A 115 4.59 3.37 10.84
N PHE A 116 5.31 3.66 11.91
CA PHE A 116 6.47 4.54 11.84
C PHE A 116 7.20 4.56 13.17
N PRO A 117 8.52 4.33 13.14
CA PRO A 117 9.30 4.06 11.92
C PRO A 117 8.94 2.70 11.31
N PRO A 118 9.41 2.44 10.08
CA PRO A 118 9.13 1.17 9.41
C PRO A 118 9.96 0.00 9.93
N VAL A 119 9.66 -0.40 11.17
CA VAL A 119 10.33 -1.53 11.83
C VAL A 119 9.21 -2.19 12.61
N VAL A 120 8.94 -3.45 12.33
CA VAL A 120 7.87 -4.14 13.03
C VAL A 120 7.99 -5.65 12.92
N ASN A 121 7.49 -6.36 13.92
CA ASN A 121 7.49 -7.82 13.90
C ASN A 121 6.03 -8.25 13.93
N ILE A 122 5.60 -8.95 12.90
CA ILE A 122 4.22 -9.44 12.84
C ILE A 122 4.29 -10.96 12.79
N THR A 123 3.68 -11.62 13.77
CA THR A 123 3.68 -13.08 13.80
C THR A 123 2.26 -13.59 14.01
N TRP A 124 2.08 -14.89 13.79
CA TRP A 124 0.77 -15.51 13.96
C TRP A 124 0.81 -16.57 15.05
N LEU A 125 -0.26 -16.66 15.81
CA LEU A 125 -0.39 -17.64 16.87
C LEU A 125 -1.65 -18.47 16.67
N SER A 126 -1.49 -19.79 16.69
CA SER A 126 -2.62 -20.70 16.57
C SER A 126 -2.78 -21.22 17.99
N ASN A 127 -3.91 -20.87 18.62
CA ASN A 127 -4.17 -21.24 20.00
C ASN A 127 -2.96 -20.95 20.88
N GLY A 128 -2.43 -19.73 20.75
CA GLY A 128 -1.31 -19.29 21.56
C GLY A 128 0.09 -19.71 21.16
N GLN A 129 0.20 -20.65 20.22
CA GLN A 129 1.51 -21.12 19.78
C GLN A 129 1.92 -20.52 18.45
N SER A 130 3.19 -20.16 18.35
CA SER A 130 3.75 -19.58 17.13
C SER A 130 3.56 -20.49 15.92
N VAL A 131 3.16 -19.89 14.80
CA VAL A 131 2.96 -20.63 13.55
C VAL A 131 3.73 -19.91 12.43
N THR A 132 4.56 -20.66 11.71
CA THR A 132 5.35 -20.08 10.63
C THR A 132 4.95 -20.59 9.25
N GLU A 133 4.45 -21.82 9.19
CA GLU A 133 4.03 -22.41 7.92
C GLU A 133 2.86 -21.62 7.36
N GLY A 134 2.92 -21.32 6.07
CA GLY A 134 1.84 -20.59 5.42
C GLY A 134 1.79 -19.09 5.69
N VAL A 135 2.86 -18.54 6.26
CA VAL A 135 2.89 -17.12 6.57
C VAL A 135 3.72 -16.33 5.53
N SER A 136 3.20 -15.19 5.13
CA SER A 136 3.88 -14.32 4.18
C SER A 136 3.46 -12.89 4.46
N GLU A 137 4.14 -11.90 3.88
CA GLU A 137 3.76 -10.53 4.13
C GLU A 137 4.14 -9.59 3.00
N THR A 138 3.56 -8.40 3.01
CA THR A 138 3.84 -7.39 1.99
C THR A 138 5.08 -6.62 2.42
N SER A 139 5.46 -5.65 1.62
CA SER A 139 6.59 -4.80 1.97
C SER A 139 5.92 -3.71 2.80
N PHE A 140 6.68 -2.71 3.22
CA PHE A 140 6.08 -1.59 3.94
C PHE A 140 5.50 -0.75 2.80
N LEU A 141 4.19 -0.66 2.75
CA LEU A 141 3.51 0.11 1.70
C LEU A 141 3.34 1.56 2.15
N SER A 142 3.59 2.49 1.24
CA SER A 142 3.53 3.92 1.55
C SER A 142 2.14 4.55 1.72
N LYS A 143 2.12 5.66 2.47
CA LYS A 143 0.90 6.42 2.73
C LYS A 143 1.26 7.89 2.50
N SER A 144 0.29 8.71 2.13
CA SER A 144 0.56 10.11 1.86
C SER A 144 1.07 10.91 3.05
N ASP A 145 0.83 10.43 4.28
CA ASP A 145 1.32 11.15 5.45
C ASP A 145 2.71 10.65 5.83
N HIS A 146 3.27 9.85 4.93
CA HIS A 146 4.60 9.28 5.04
C HIS A 146 4.83 8.22 6.11
N SER A 147 3.75 7.66 6.62
CA SER A 147 3.87 6.56 7.56
C SER A 147 3.69 5.37 6.60
N PHE A 148 3.58 4.16 7.13
CA PHE A 148 3.42 2.99 6.27
C PHE A 148 2.37 2.02 6.79
N PHE A 149 2.02 1.04 5.98
CA PHE A 149 1.13 -0.02 6.43
C PHE A 149 1.75 -1.31 5.91
N LYS A 150 1.51 -2.40 6.62
CA LYS A 150 2.07 -3.68 6.22
C LYS A 150 1.04 -4.74 6.50
N ILE A 151 0.94 -5.71 5.60
CA ILE A 151 -0.03 -6.77 5.78
C ILE A 151 0.64 -8.14 5.83
N SER A 152 0.20 -8.96 6.78
CA SER A 152 0.73 -10.31 6.93
C SER A 152 -0.41 -11.27 6.59
N TYR A 153 -0.06 -12.41 5.98
CA TYR A 153 -1.06 -13.40 5.58
C TYR A 153 -0.80 -14.75 6.23
N LEU A 154 -1.89 -15.46 6.52
CA LEU A 154 -1.81 -16.80 7.10
C LEU A 154 -2.78 -17.70 6.34
N THR A 155 -2.26 -18.64 5.58
CA THR A 155 -3.11 -19.55 4.85
C THR A 155 -3.48 -20.63 5.86
N PHE A 156 -4.72 -21.09 5.84
CA PHE A 156 -5.14 -22.10 6.79
C PHE A 156 -6.34 -22.90 6.32
N LEU A 157 -6.54 -24.05 6.95
CA LEU A 157 -7.67 -24.91 6.65
C LEU A 157 -8.67 -24.71 7.78
N PRO A 158 -9.79 -24.03 7.51
CA PRO A 158 -10.81 -23.78 8.54
C PRO A 158 -11.19 -25.08 9.24
N SER A 159 -11.12 -25.07 10.57
CA SER A 159 -11.44 -26.25 11.35
C SER A 159 -12.19 -25.86 12.61
N ALA A 160 -12.92 -26.82 13.17
CA ALA A 160 -13.65 -26.55 14.40
C ALA A 160 -12.61 -26.29 15.48
N ASP A 161 -12.96 -25.46 16.44
CA ASP A 161 -12.07 -25.13 17.55
C ASP A 161 -10.81 -24.36 17.18
N GLU A 162 -10.73 -23.85 15.95
CA GLU A 162 -9.57 -23.08 15.53
C GLU A 162 -9.52 -21.79 16.33
N ILE A 163 -8.30 -21.33 16.65
CA ILE A 163 -8.10 -20.11 17.42
C ILE A 163 -6.90 -19.37 16.82
N TYR A 164 -7.09 -18.15 16.35
CA TYR A 164 -5.99 -17.39 15.77
C TYR A 164 -5.83 -15.96 16.30
N ASP A 165 -4.58 -15.54 16.41
CA ASP A 165 -4.22 -14.21 16.84
C ASP A 165 -3.06 -13.70 16.00
N CYS A 166 -3.05 -12.40 15.75
CA CYS A 166 -1.97 -11.77 15.02
C CYS A 166 -1.23 -11.02 16.13
N LYS A 167 0.08 -11.21 16.25
CA LYS A 167 0.85 -10.53 17.28
C LYS A 167 1.74 -9.48 16.64
N VAL A 168 1.64 -8.25 17.12
CA VAL A 168 2.42 -7.15 16.56
C VAL A 168 3.35 -6.47 17.57
N GLU A 169 4.64 -6.42 17.22
CA GLU A 169 5.65 -5.79 18.07
C GLU A 169 6.13 -4.51 17.37
N HIS A 170 6.07 -3.39 18.08
CA HIS A 170 6.49 -2.10 17.52
C HIS A 170 6.88 -1.19 18.68
N TRP A 171 7.91 -0.37 18.49
CA TRP A 171 8.37 0.53 19.55
C TRP A 171 7.34 1.55 19.97
N GLY A 172 6.32 1.76 19.15
CA GLY A 172 5.28 2.72 19.48
C GLY A 172 4.24 2.14 20.44
N LEU A 173 4.32 0.84 20.68
CA LEU A 173 3.38 0.18 21.58
C LEU A 173 4.00 -0.04 22.97
N ASP A 174 3.17 0.01 24.00
CA ASP A 174 3.65 -0.20 25.37
C ASP A 174 4.09 -1.65 25.52
N GLN A 175 3.35 -2.55 24.87
CA GLN A 175 3.64 -3.98 24.90
C GLN A 175 3.11 -4.56 23.60
N PRO A 176 3.60 -5.75 23.20
CA PRO A 176 3.12 -6.35 21.96
C PRO A 176 1.60 -6.36 21.90
N LEU A 177 1.05 -6.12 20.72
CA LEU A 177 -0.39 -6.09 20.55
C LEU A 177 -0.86 -7.43 20.01
N LEU A 178 -1.85 -8.03 20.66
CA LEU A 178 -2.38 -9.32 20.25
C LEU A 178 -3.80 -9.14 19.76
N LYS A 179 -4.03 -9.33 18.45
CA LYS A 179 -5.35 -9.16 17.87
C LYS A 179 -5.99 -10.50 17.54
N HIS A 180 -7.09 -10.81 18.23
CA HIS A 180 -7.81 -12.07 18.05
C HIS A 180 -8.73 -12.02 16.83
N TRP A 181 -8.69 -13.06 16.02
CA TRP A 181 -9.54 -13.10 14.84
C TRP A 181 -10.95 -13.50 15.26
N GLU A 182 -11.92 -12.63 14.96
CA GLU A 182 -13.32 -12.88 15.28
C GLU A 182 -14.07 -13.40 14.08
N PRO A 183 -14.15 -14.73 13.96
CA PRO A 183 -14.84 -15.36 12.84
C PRO A 183 -16.34 -15.13 12.90
N SER B 1 13.98 2.22 23.90
CA SER B 1 13.84 1.79 22.51
C SER B 1 14.94 2.39 21.63
N PRO B 2 15.44 1.61 20.67
CA PRO B 2 16.50 2.06 19.75
C PRO B 2 16.10 3.33 19.02
N GLU B 3 17.07 4.19 18.75
CA GLU B 3 16.79 5.42 18.03
C GLU B 3 16.84 5.07 16.54
N ASP B 4 16.07 5.79 15.75
CA ASP B 4 16.04 5.54 14.31
C ASP B 4 15.94 6.88 13.59
N PHE B 5 16.45 6.89 12.36
CA PHE B 5 16.45 8.06 11.49
C PHE B 5 16.07 7.49 10.14
N VAL B 6 15.06 8.08 9.51
CA VAL B 6 14.55 7.57 8.25
C VAL B 6 14.60 8.53 7.07
N PHE B 7 14.95 8.00 5.90
CA PHE B 7 14.97 8.78 4.67
C PHE B 7 14.02 8.11 3.70
N GLN B 8 13.19 8.90 3.04
CA GLN B 8 12.26 8.36 2.05
C GLN B 8 12.34 9.21 0.81
N PHE B 9 12.40 8.55 -0.35
CA PHE B 9 12.38 9.27 -1.61
C PHE B 9 11.24 8.61 -2.36
N LYS B 10 10.29 9.43 -2.82
CA LYS B 10 9.15 8.90 -3.55
C LYS B 10 9.06 9.57 -4.91
N GLY B 11 9.20 8.77 -5.98
CA GLY B 11 9.10 9.30 -7.32
C GLY B 11 7.66 9.01 -7.73
N MET B 12 6.79 10.00 -7.50
CA MET B 12 5.38 9.80 -7.77
C MET B 12 4.84 10.35 -9.09
N CYS B 13 4.05 9.51 -9.74
CA CYS B 13 3.44 9.84 -11.03
C CYS B 13 1.94 9.89 -10.89
N TYR B 14 1.34 11.00 -11.28
CA TYR B 14 -0.09 11.18 -11.20
C TYR B 14 -0.63 11.25 -12.63
N PHE B 15 -1.66 10.44 -12.90
CA PHE B 15 -2.25 10.36 -14.24
C PHE B 15 -3.73 10.69 -14.25
N THR B 16 -4.15 11.45 -15.25
CA THR B 16 -5.55 11.80 -15.42
C THR B 16 -5.85 11.80 -16.91
N ASN B 17 -6.99 11.21 -17.28
CA ASN B 17 -7.41 11.12 -18.67
C ASN B 17 -6.35 10.37 -19.47
N GLY B 18 -6.11 9.12 -19.10
CA GLY B 18 -5.09 8.33 -19.78
C GLY B 18 -3.76 8.96 -19.42
N THR B 19 -2.99 9.36 -20.43
CA THR B 19 -1.71 10.02 -20.19
C THR B 19 -1.74 11.44 -20.75
N GLU B 20 -2.95 11.97 -20.94
CA GLU B 20 -3.11 13.32 -21.47
C GLU B 20 -2.58 14.32 -20.44
N ARG B 21 -2.89 14.08 -19.18
CA ARG B 21 -2.42 14.96 -18.11
C ARG B 21 -1.63 14.11 -17.13
N VAL B 22 -0.32 14.37 -17.07
CA VAL B 22 0.56 13.61 -16.19
C VAL B 22 1.43 14.57 -15.39
N ARG B 23 1.66 14.23 -14.13
CA ARG B 23 2.46 15.08 -13.26
C ARG B 23 3.40 14.23 -12.42
N LEU B 24 4.66 14.62 -12.40
CA LEU B 24 5.68 13.92 -11.63
C LEU B 24 6.03 14.77 -10.43
N VAL B 25 6.02 14.15 -9.25
CA VAL B 25 6.40 14.85 -8.02
C VAL B 25 7.35 13.94 -7.29
N THR B 26 8.63 14.31 -7.21
CA THR B 26 9.59 13.50 -6.49
C THR B 26 9.70 14.16 -5.12
N ARG B 27 9.56 13.36 -4.07
CA ARG B 27 9.59 13.87 -2.70
C ARG B 27 10.76 13.34 -1.91
N TYR B 28 11.48 14.23 -1.23
CA TYR B 28 12.62 13.86 -0.38
C TYR B 28 12.11 14.09 1.03
N ILE B 29 12.15 13.03 1.83
CA ILE B 29 11.59 13.06 3.18
C ILE B 29 12.54 12.60 4.28
N TYR B 30 12.59 13.34 5.38
CA TYR B 30 13.41 12.97 6.53
C TYR B 30 12.40 12.59 7.60
N ASN B 31 12.44 11.34 8.03
CA ASN B 31 11.48 10.80 8.99
C ASN B 31 10.12 10.91 8.29
N ARG B 32 9.25 11.82 8.70
CA ARG B 32 7.97 11.97 8.01
C ARG B 32 7.76 13.37 7.43
N GLU B 33 8.83 14.15 7.38
CA GLU B 33 8.72 15.51 6.86
C GLU B 33 9.38 15.69 5.49
N GLU B 34 8.59 16.02 4.49
CA GLU B 34 9.14 16.26 3.15
C GLU B 34 9.91 17.57 3.23
N TYR B 35 11.18 17.56 2.83
CA TYR B 35 11.99 18.76 2.89
C TYR B 35 12.40 19.35 1.53
N ALA B 36 12.30 18.56 0.47
CA ALA B 36 12.66 19.03 -0.87
C ALA B 36 11.77 18.31 -1.86
N ARG B 37 11.52 18.94 -3.00
CA ARG B 37 10.62 18.35 -3.98
C ARG B 37 10.82 18.86 -5.40
N PHE B 38 10.56 18.00 -6.39
CA PHE B 38 10.60 18.43 -7.77
C PHE B 38 9.19 18.15 -8.27
N ASP B 39 8.50 19.19 -8.72
CA ASP B 39 7.14 19.09 -9.23
C ASP B 39 7.27 19.44 -10.72
N SER B 40 6.83 18.54 -11.60
CA SER B 40 6.94 18.81 -13.03
C SER B 40 6.10 20.01 -13.46
N ASP B 41 5.10 20.37 -12.66
CA ASP B 41 4.27 21.52 -12.98
C ASP B 41 5.02 22.81 -12.62
N VAL B 42 6.08 22.67 -11.82
CA VAL B 42 6.91 23.80 -11.41
C VAL B 42 8.15 23.86 -12.30
N GLY B 43 8.79 22.71 -12.53
CA GLY B 43 9.95 22.69 -13.40
C GLY B 43 11.33 22.80 -12.79
N VAL B 44 11.39 23.05 -11.49
CA VAL B 44 12.67 23.16 -10.79
C VAL B 44 12.47 22.61 -9.38
N TYR B 45 13.57 22.28 -8.72
CA TYR B 45 13.51 21.78 -7.35
C TYR B 45 13.16 22.93 -6.43
N ARG B 46 12.40 22.63 -5.37
CA ARG B 46 12.01 23.63 -4.40
C ARG B 46 12.23 23.09 -3.00
N ALA B 47 12.66 23.95 -2.09
CA ALA B 47 12.84 23.53 -0.71
C ALA B 47 11.45 23.56 -0.09
N VAL B 48 11.06 22.48 0.59
CA VAL B 48 9.74 22.41 1.23
C VAL B 48 9.89 22.92 2.67
N THR B 49 11.06 22.71 3.25
CA THR B 49 11.37 23.20 4.60
C THR B 49 12.77 23.80 4.47
N PRO B 50 13.22 24.55 5.48
CA PRO B 50 14.54 25.15 5.41
C PRO B 50 15.68 24.15 5.17
N GLN B 51 15.53 22.94 5.73
CA GLN B 51 16.55 21.91 5.58
C GLN B 51 16.76 21.44 4.16
N GLY B 52 15.82 21.77 3.27
CA GLY B 52 15.94 21.37 1.88
C GLY B 52 16.55 22.43 0.99
N ARG B 53 16.79 23.63 1.53
CA ARG B 53 17.36 24.71 0.73
C ARG B 53 18.70 24.37 0.08
N PRO B 54 19.63 23.77 0.86
CA PRO B 54 20.94 23.43 0.28
C PRO B 54 20.82 22.55 -0.97
N ASP B 55 19.90 21.60 -0.94
CA ASP B 55 19.71 20.69 -2.06
C ASP B 55 19.01 21.35 -3.24
N ALA B 56 17.96 22.11 -2.98
CA ALA B 56 17.24 22.78 -4.06
C ALA B 56 18.20 23.65 -4.87
N GLU B 57 19.03 24.42 -4.18
CA GLU B 57 19.98 25.28 -4.87
C GLU B 57 21.05 24.47 -5.59
N TYR B 58 21.56 23.44 -4.94
CA TYR B 58 22.60 22.60 -5.53
C TYR B 58 22.10 21.85 -6.77
N TRP B 59 20.96 21.18 -6.64
CA TRP B 59 20.42 20.42 -7.76
C TRP B 59 20.01 21.29 -8.95
N ASN B 60 19.43 22.45 -8.68
CA ASN B 60 19.03 23.33 -9.79
C ASN B 60 20.25 23.89 -10.52
N SER B 61 21.41 23.91 -9.85
CA SER B 61 22.63 24.43 -10.47
C SER B 61 23.36 23.38 -11.30
N GLN B 62 22.92 22.13 -11.18
CA GLN B 62 23.53 21.04 -11.94
C GLN B 62 22.69 20.73 -13.16
N LYS B 63 23.19 21.14 -14.32
CA LYS B 63 22.48 20.94 -15.58
C LYS B 63 22.00 19.52 -15.81
N GLU B 64 22.90 18.55 -15.63
CA GLU B 64 22.56 17.14 -15.83
C GLU B 64 21.45 16.67 -14.89
N VAL B 65 21.51 17.11 -13.64
CA VAL B 65 20.52 16.71 -12.65
C VAL B 65 19.15 17.31 -12.98
N LEU B 66 19.11 18.62 -13.21
CA LEU B 66 17.85 19.29 -13.52
C LEU B 66 17.21 18.80 -14.81
N GLU B 67 18.01 18.70 -15.88
CA GLU B 67 17.46 18.22 -17.15
C GLU B 67 17.03 16.78 -17.04
N GLY B 68 17.81 15.98 -16.31
CA GLY B 68 17.47 14.58 -16.12
C GLY B 68 16.17 14.40 -15.38
N THR B 69 15.95 15.20 -14.35
CA THR B 69 14.71 15.10 -13.57
C THR B 69 13.53 15.59 -14.39
N ARG B 70 13.71 16.66 -15.16
CA ARG B 70 12.63 17.18 -16.01
C ARG B 70 12.20 16.13 -17.02
N ALA B 71 13.16 15.34 -17.50
CA ALA B 71 12.89 14.31 -18.49
C ALA B 71 12.19 13.09 -17.90
N GLU B 72 12.23 12.92 -16.58
CA GLU B 72 11.61 11.76 -15.95
C GLU B 72 10.09 11.75 -16.10
N LEU B 73 9.48 12.91 -16.32
CA LEU B 73 8.04 12.96 -16.51
C LEU B 73 7.69 12.05 -17.67
N ASP B 74 8.53 12.06 -18.71
CA ASP B 74 8.28 11.20 -19.85
C ASP B 74 8.94 9.84 -19.72
N THR B 75 10.25 9.84 -19.48
CA THR B 75 11.00 8.59 -19.39
C THR B 75 10.58 7.64 -18.28
N VAL B 76 9.99 8.16 -17.21
CA VAL B 76 9.54 7.30 -16.13
C VAL B 76 8.02 7.20 -16.12
N CYS B 77 7.35 8.30 -15.84
CA CYS B 77 5.89 8.28 -15.76
C CYS B 77 5.17 7.81 -17.01
N ARG B 78 5.37 8.50 -18.13
CA ARG B 78 4.67 8.10 -19.34
C ARG B 78 5.10 6.75 -19.91
N HIS B 79 6.38 6.42 -19.82
CA HIS B 79 6.79 5.13 -20.35
C HIS B 79 6.43 3.96 -19.44
N ASN B 80 6.35 4.19 -18.14
CA ASN B 80 5.94 3.11 -17.24
C ASN B 80 4.46 2.84 -17.52
N TYR B 81 3.72 3.89 -17.84
CA TYR B 81 2.29 3.75 -18.13
C TYR B 81 2.10 2.92 -19.41
N GLU B 82 2.94 3.18 -20.41
CA GLU B 82 2.86 2.46 -21.67
C GLU B 82 3.23 0.99 -21.52
N VAL B 83 4.35 0.73 -20.85
CA VAL B 83 4.82 -0.63 -20.67
C VAL B 83 4.05 -1.46 -19.64
N ALA B 84 3.72 -0.87 -18.51
CA ALA B 84 3.05 -1.63 -17.46
C ALA B 84 1.65 -1.23 -17.03
N PHE B 85 1.44 0.06 -16.77
CA PHE B 85 0.15 0.51 -16.27
C PHE B 85 -1.06 0.30 -17.16
N ARG B 86 -0.90 0.52 -18.46
CA ARG B 86 -2.03 0.33 -19.37
C ARG B 86 -2.52 -1.11 -19.22
N GLY B 87 -1.59 -2.04 -19.11
CA GLY B 87 -1.94 -3.44 -18.96
C GLY B 87 -2.56 -3.73 -17.61
N ILE B 88 -1.96 -3.19 -16.55
CA ILE B 88 -2.49 -3.40 -15.21
C ILE B 88 -3.92 -2.86 -15.11
N LEU B 89 -4.17 -1.75 -15.79
CA LEU B 89 -5.50 -1.14 -15.78
C LEU B 89 -6.55 -2.01 -16.49
N GLN B 90 -6.11 -3.02 -17.21
CA GLN B 90 -7.01 -3.93 -17.91
C GLN B 90 -7.28 -5.16 -17.05
N ARG B 91 -6.59 -5.25 -15.91
CA ARG B 91 -6.78 -6.39 -15.00
C ARG B 91 -8.21 -6.41 -14.48
N ARG B 92 -8.84 -7.57 -14.53
CA ARG B 92 -10.21 -7.71 -14.06
C ARG B 92 -10.36 -9.00 -13.26
N VAL B 93 -10.81 -8.87 -12.02
CA VAL B 93 -11.04 -10.02 -11.16
C VAL B 93 -12.48 -9.88 -10.69
N GLU B 94 -13.33 -10.83 -11.11
CA GLU B 94 -14.74 -10.82 -10.75
C GLU B 94 -14.99 -11.07 -9.27
N PRO B 95 -15.87 -10.26 -8.67
CA PRO B 95 -16.16 -10.44 -7.25
C PRO B 95 -17.00 -11.68 -6.97
N THR B 96 -16.84 -12.21 -5.77
CA THR B 96 -17.60 -13.35 -5.30
C THR B 96 -18.60 -12.71 -4.36
N VAL B 97 -19.87 -13.06 -4.50
CA VAL B 97 -20.92 -12.46 -3.66
C VAL B 97 -21.59 -13.52 -2.81
N THR B 98 -21.57 -13.31 -1.49
CA THR B 98 -22.18 -14.26 -0.58
C THR B 98 -23.01 -13.54 0.49
N ILE B 99 -24.17 -14.11 0.81
CA ILE B 99 -25.05 -13.53 1.81
C ILE B 99 -25.19 -14.45 3.02
N SER B 100 -25.23 -13.85 4.20
CA SER B 100 -25.39 -14.60 5.43
C SER B 100 -25.82 -13.66 6.54
N PRO B 101 -26.71 -14.11 7.43
CA PRO B 101 -27.16 -13.25 8.53
C PRO B 101 -26.10 -13.24 9.63
N SER B 102 -26.00 -12.12 10.36
CA SER B 102 -25.02 -12.01 11.43
C SER B 102 -25.68 -12.18 12.79
N ASN B 111 -32.06 -7.44 13.43
CA ASN B 111 -31.25 -8.44 12.76
C ASN B 111 -30.58 -7.85 11.52
N LEU B 112 -29.33 -8.26 11.27
CA LEU B 112 -28.58 -7.76 10.13
C LEU B 112 -28.27 -8.86 9.12
N LEU B 113 -28.38 -8.52 7.84
CA LEU B 113 -28.09 -9.46 6.77
C LEU B 113 -26.82 -8.89 6.14
N VAL B 114 -25.79 -9.72 5.99
CA VAL B 114 -24.54 -9.24 5.43
C VAL B 114 -24.23 -9.77 4.04
N CYS B 115 -23.94 -8.85 3.13
CA CYS B 115 -23.56 -9.23 1.78
C CYS B 115 -22.06 -9.03 1.68
N SER B 116 -21.33 -10.13 1.54
CA SER B 116 -19.87 -10.07 1.43
C SER B 116 -19.45 -10.13 -0.03
N VAL B 117 -18.85 -9.04 -0.52
CA VAL B 117 -18.37 -8.97 -1.89
C VAL B 117 -16.87 -9.03 -1.78
N THR B 118 -16.31 -10.17 -2.17
CA THR B 118 -14.89 -10.40 -2.04
C THR B 118 -14.06 -10.69 -3.29
N ASP B 119 -12.76 -10.50 -3.13
CA ASP B 119 -11.77 -10.76 -4.17
C ASP B 119 -12.04 -10.15 -5.54
N PHE B 120 -12.14 -8.83 -5.60
CA PHE B 120 -12.36 -8.17 -6.89
C PHE B 120 -11.32 -7.10 -7.16
N TYR B 121 -11.18 -6.75 -8.43
CA TYR B 121 -10.26 -5.72 -8.89
C TYR B 121 -10.70 -5.27 -10.27
N PRO B 122 -10.70 -3.95 -10.54
CA PRO B 122 -10.29 -2.83 -9.68
C PRO B 122 -11.23 -2.56 -8.50
N GLY B 123 -10.93 -1.49 -7.77
CA GLY B 123 -11.71 -1.14 -6.59
C GLY B 123 -13.08 -0.49 -6.79
N GLN B 124 -13.38 -0.05 -8.00
CA GLN B 124 -14.66 0.60 -8.28
C GLN B 124 -15.78 -0.45 -8.26
N ILE B 125 -16.76 -0.26 -7.39
CA ILE B 125 -17.86 -1.23 -7.31
C ILE B 125 -19.14 -0.59 -6.78
N LYS B 126 -20.27 -1.20 -7.11
CA LYS B 126 -21.57 -0.70 -6.67
C LYS B 126 -22.39 -1.86 -6.12
N VAL B 127 -22.73 -1.80 -4.84
CA VAL B 127 -23.50 -2.86 -4.20
C VAL B 127 -24.83 -2.28 -3.70
N ARG B 128 -25.93 -2.92 -4.08
CA ARG B 128 -27.24 -2.47 -3.66
C ARG B 128 -28.06 -3.60 -3.06
N TRP B 129 -28.90 -3.26 -2.09
CA TRP B 129 -29.75 -4.25 -1.43
C TRP B 129 -31.18 -4.11 -1.92
N PHE B 130 -31.85 -5.24 -2.09
CA PHE B 130 -33.24 -5.27 -2.54
C PHE B 130 -34.04 -6.19 -1.63
N ARG B 131 -35.27 -5.81 -1.33
CA ARG B 131 -36.15 -6.63 -0.51
C ARG B 131 -37.39 -6.80 -1.37
N ASN B 132 -37.68 -8.04 -1.72
CA ASN B 132 -38.81 -8.35 -2.60
C ASN B 132 -38.74 -7.49 -3.85
N ASP B 133 -37.53 -7.35 -4.38
CA ASP B 133 -37.27 -6.57 -5.60
C ASP B 133 -37.42 -5.07 -5.42
N GLN B 134 -37.54 -4.61 -4.19
CA GLN B 134 -37.65 -3.19 -3.88
C GLN B 134 -36.28 -2.77 -3.35
N GLU B 135 -35.63 -1.81 -4.01
CA GLU B 135 -34.32 -1.38 -3.54
C GLU B 135 -34.39 -0.76 -2.16
N GLU B 136 -33.53 -1.22 -1.26
CA GLU B 136 -33.47 -0.71 0.10
C GLU B 136 -32.51 0.47 0.15
N THR B 137 -32.95 1.56 0.77
CA THR B 137 -32.11 2.76 0.89
C THR B 137 -31.76 2.97 2.35
N ALA B 138 -32.74 2.77 3.22
CA ALA B 138 -32.54 2.92 4.66
C ALA B 138 -32.14 1.59 5.28
N GLY B 139 -31.50 1.65 6.45
CA GLY B 139 -31.10 0.43 7.12
C GLY B 139 -29.90 -0.25 6.47
N VAL B 140 -29.24 0.46 5.56
CA VAL B 140 -28.08 -0.09 4.88
C VAL B 140 -26.79 0.58 5.35
N VAL B 141 -25.85 -0.24 5.81
CA VAL B 141 -24.56 0.26 6.29
C VAL B 141 -23.45 -0.52 5.59
N SER B 142 -22.45 0.20 5.09
CA SER B 142 -21.35 -0.44 4.39
C SER B 142 -19.99 -0.12 5.00
N THR B 143 -19.08 -1.09 4.93
CA THR B 143 -17.74 -0.89 5.46
C THR B 143 -17.00 -0.13 4.37
N PRO B 144 -15.87 0.48 4.72
CA PRO B 144 -15.15 1.19 3.66
C PRO B 144 -14.60 0.13 2.72
N LEU B 145 -14.07 0.54 1.58
CA LEU B 145 -13.50 -0.41 0.64
C LEU B 145 -12.28 -0.99 1.37
N ILE B 146 -12.16 -2.31 1.38
CA ILE B 146 -11.06 -2.99 2.06
C ILE B 146 -9.98 -3.49 1.11
N ARG B 147 -8.76 -2.97 1.27
CA ARG B 147 -7.62 -3.37 0.44
C ARG B 147 -6.95 -4.60 1.07
N ASN B 148 -6.97 -5.72 0.38
CA ASN B 148 -6.37 -6.95 0.92
C ASN B 148 -4.85 -6.97 0.79
N GLY B 149 -4.32 -6.15 -0.11
CA GLY B 149 -2.88 -6.09 -0.30
C GLY B 149 -2.34 -7.02 -1.38
N ASP B 150 -3.14 -7.98 -1.80
CA ASP B 150 -2.73 -8.94 -2.81
C ASP B 150 -3.36 -8.65 -4.17
N TRP B 151 -3.63 -7.37 -4.41
CA TRP B 151 -4.24 -6.87 -5.62
C TRP B 151 -5.72 -7.24 -5.76
N THR B 152 -6.40 -7.33 -4.63
CA THR B 152 -7.84 -7.58 -4.61
C THR B 152 -8.41 -6.77 -3.47
N PHE B 153 -9.70 -6.45 -3.58
CA PHE B 153 -10.41 -5.69 -2.58
C PHE B 153 -11.60 -6.53 -2.13
N GLN B 154 -12.25 -6.06 -1.06
CA GLN B 154 -13.46 -6.70 -0.57
C GLN B 154 -14.24 -5.59 0.12
N ILE B 155 -15.54 -5.80 0.27
CA ILE B 155 -16.38 -4.82 0.92
C ILE B 155 -17.60 -5.54 1.47
N LEU B 156 -18.07 -5.11 2.64
CA LEU B 156 -19.23 -5.73 3.27
C LEU B 156 -20.34 -4.71 3.39
N VAL B 157 -21.56 -5.13 3.08
CA VAL B 157 -22.72 -4.25 3.15
C VAL B 157 -23.82 -4.93 3.96
N MET B 158 -24.19 -4.32 5.08
CA MET B 158 -25.22 -4.88 5.95
C MET B 158 -26.59 -4.24 5.75
N LEU B 159 -27.64 -5.03 5.96
CA LEU B 159 -29.01 -4.56 5.82
C LEU B 159 -29.84 -4.98 7.02
N GLU B 160 -30.63 -4.05 7.55
CA GLU B 160 -31.49 -4.35 8.68
C GLU B 160 -32.68 -5.15 8.15
N MET B 161 -32.84 -6.37 8.64
CA MET B 161 -33.91 -7.26 8.20
C MET B 161 -35.25 -6.91 8.83
N THR B 162 -36.33 -7.33 8.18
CA THR B 162 -37.68 -7.10 8.68
C THR B 162 -38.08 -8.34 9.48
N PRO B 163 -39.17 -8.25 10.24
CA PRO B 163 -39.63 -9.40 11.04
C PRO B 163 -40.22 -10.53 10.19
N GLN B 164 -40.60 -10.20 8.95
CA GLN B 164 -41.21 -11.18 8.05
C GLN B 164 -40.23 -12.18 7.43
N ARG B 165 -40.31 -13.42 7.87
CA ARG B 165 -39.44 -14.48 7.36
C ARG B 165 -39.69 -14.81 5.89
N GLY B 166 -40.79 -14.29 5.34
CA GLY B 166 -41.10 -14.56 3.96
C GLY B 166 -40.43 -13.62 2.96
N ASP B 167 -39.87 -12.52 3.45
CA ASP B 167 -39.22 -11.56 2.57
C ASP B 167 -38.00 -12.14 1.86
N VAL B 168 -37.87 -11.81 0.58
CA VAL B 168 -36.77 -12.28 -0.23
C VAL B 168 -35.77 -11.14 -0.38
N TYR B 169 -34.52 -11.39 0.01
CA TYR B 169 -33.48 -10.38 -0.07
C TYR B 169 -32.53 -10.67 -1.22
N THR B 170 -32.10 -9.62 -1.90
CA THR B 170 -31.20 -9.77 -3.03
C THR B 170 -30.07 -8.75 -2.96
N CYS B 171 -28.84 -9.22 -3.09
CA CYS B 171 -27.67 -8.34 -3.10
C CYS B 171 -27.29 -8.19 -4.57
N HIS B 172 -27.34 -6.96 -5.06
CA HIS B 172 -27.06 -6.63 -6.46
C HIS B 172 -25.68 -5.97 -6.59
N VAL B 173 -24.80 -6.57 -7.39
CA VAL B 173 -23.44 -6.03 -7.55
C VAL B 173 -23.03 -5.70 -8.98
N GLU B 174 -22.52 -4.49 -9.16
CA GLU B 174 -22.05 -4.02 -10.47
C GLU B 174 -20.54 -3.78 -10.35
N HIS B 175 -19.79 -4.25 -11.34
CA HIS B 175 -18.34 -4.13 -11.35
C HIS B 175 -17.85 -4.14 -12.82
N PRO B 176 -16.73 -3.47 -13.10
CA PRO B 176 -16.19 -3.43 -14.47
C PRO B 176 -15.89 -4.79 -15.09
N SER B 177 -15.68 -5.80 -14.25
CA SER B 177 -15.38 -7.14 -14.75
C SER B 177 -16.65 -7.90 -15.15
N LEU B 178 -17.81 -7.32 -14.85
CA LEU B 178 -19.08 -7.95 -15.14
C LEU B 178 -19.87 -7.31 -16.29
N GLN B 179 -20.26 -8.12 -17.26
CA GLN B 179 -21.04 -7.63 -18.39
C GLN B 179 -22.46 -7.42 -17.87
N SER B 180 -22.86 -8.30 -16.95
CA SER B 180 -24.19 -8.23 -16.33
C SER B 180 -24.02 -8.25 -14.82
N PRO B 181 -24.85 -7.48 -14.10
CA PRO B 181 -24.77 -7.43 -12.63
C PRO B 181 -24.96 -8.79 -11.99
N ILE B 182 -24.26 -9.03 -10.90
CA ILE B 182 -24.39 -10.28 -10.17
C ILE B 182 -25.49 -10.07 -9.14
N THR B 183 -26.40 -11.03 -9.02
CA THR B 183 -27.47 -10.92 -8.04
C THR B 183 -27.53 -12.22 -7.26
N VAL B 184 -27.50 -12.11 -5.94
CA VAL B 184 -27.56 -13.26 -5.07
C VAL B 184 -28.79 -13.11 -4.19
N GLU B 185 -29.58 -14.17 -4.11
CA GLU B 185 -30.81 -14.15 -3.32
C GLU B 185 -30.64 -14.86 -1.99
N TRP B 186 -31.42 -14.43 -1.01
CA TRP B 186 -31.41 -15.03 0.31
C TRP B 186 -32.80 -14.97 0.92
N ARG B 187 -33.22 -16.08 1.52
CA ARG B 187 -34.52 -16.12 2.19
C ARG B 187 -34.40 -17.10 3.34
N ALA B 188 -34.95 -16.73 4.49
CA ALA B 188 -34.90 -17.56 5.69
C ALA B 188 -35.27 -19.02 5.41
N GLN B 189 -34.68 -19.92 6.19
CA GLN B 189 -34.93 -21.34 6.06
C GLN B 189 -36.30 -21.70 6.65
N MET C 6 11.29 -6.59 -20.98
CA MET C 6 11.43 -5.14 -20.97
C MET C 6 11.61 -4.62 -19.54
N ASN C 7 12.76 -4.03 -19.27
CA ASN C 7 13.03 -3.50 -17.94
C ASN C 7 12.38 -2.14 -17.80
N LEU C 8 11.74 -1.92 -16.66
CA LEU C 8 11.04 -0.67 -16.40
C LEU C 8 11.95 0.46 -15.92
N PRO C 9 11.62 1.71 -16.31
CA PRO C 9 12.44 2.85 -15.89
C PRO C 9 12.05 3.26 -14.48
N SER C 10 12.85 4.13 -13.86
CA SER C 10 12.54 4.59 -12.52
C SER C 10 13.24 5.90 -12.25
N THR C 11 12.71 6.64 -11.28
CA THR C 11 13.29 7.93 -10.89
C THR C 11 14.60 7.73 -10.13
N LYS C 12 15.53 8.66 -10.33
CA LYS C 12 16.82 8.61 -9.66
C LYS C 12 16.85 9.54 -8.45
N VAL C 13 17.35 9.04 -7.32
CA VAL C 13 17.46 9.86 -6.12
C VAL C 13 18.63 10.81 -6.32
N SER C 14 18.40 12.11 -6.14
CA SER C 14 19.46 13.08 -6.30
C SER C 14 20.39 13.05 -5.09
N TRP C 15 21.67 13.28 -5.35
CA TRP C 15 22.75 13.28 -4.35
C TRP C 15 22.82 14.60 -3.59
N ALA C 16 22.52 14.54 -2.28
CA ALA C 16 22.50 15.71 -1.42
C ALA C 16 23.80 16.50 -1.35
N ALA C 17 23.66 17.82 -1.19
CA ALA C 17 24.81 18.71 -1.07
C ALA C 17 25.45 18.52 0.30
N VAL C 18 26.77 18.47 0.35
CA VAL C 18 27.46 18.29 1.62
C VAL C 18 27.47 19.58 2.40
N GLY C 19 27.28 19.48 3.72
CA GLY C 19 27.27 20.66 4.56
C GLY C 19 26.11 21.62 4.28
N GLY C 20 25.15 21.66 5.18
CA GLY C 20 24.00 22.53 5.02
C GLY C 20 23.46 22.97 6.36
N GLY C 21 24.36 23.15 7.33
CA GLY C 21 23.97 23.58 8.65
C GLY C 21 23.67 22.43 9.59
N GLY C 22 23.29 22.75 10.83
CA GLY C 22 22.98 21.73 11.80
C GLY C 22 24.20 21.09 12.44
N SER C 23 23.97 20.36 13.53
CA SER C 23 25.06 19.68 14.24
C SER C 23 24.54 18.40 14.89
N LEU C 24 25.35 17.34 14.83
CA LEU C 24 24.98 16.07 15.43
C LEU C 24 24.86 16.20 16.94
N VAL C 25 23.81 15.59 17.50
CA VAL C 25 23.58 15.63 18.94
C VAL C 25 23.48 14.22 19.51
#